data_6NM8
#
_entry.id   6NM8
#
_cell.length_a   33.455
_cell.length_b   54.604
_cell.length_c   141.272
_cell.angle_alpha   90.000
_cell.angle_beta   90.000
_cell.angle_gamma   90.000
#
_symmetry.space_group_name_H-M   'P 2 21 21'
#
loop_
_entity.id
_entity.type
_entity.pdbx_description
1 polymer 'Programmed cell death 1 ligand 1'
2 non-polymer "N-({2,6-dimethoxy-4-[(2-methyl[1,1'-biphenyl]-3-yl)methoxy]phenyl}methyl)-D-alanine"
#
_entity_poly.entity_id   1
_entity_poly.type   'polypeptide(L)'
_entity_poly.pdbx_seq_one_letter_code
;MAFTVTVPKDLYVVEYGSNMTIECKFPVEKQLDLAALIVYWEMEDKNIIQFVHGEEDLKTQHSSYRQRARLLKDQLSLGN
AALQITDVKLQDAGVYRCMISYGGADYKRITVKVNAPYAAALEHHHHHH
;
_entity_poly.pdbx_strand_id   A,B
#
loop_
_chem_comp.id
_chem_comp.type
_chem_comp.name
_chem_comp.formula
KSD non-polymer N-({2,6-dimethoxy-4-[(2-methyl[1,1'-biphenyl]-3-yl)methoxy]phenyl}methyl)-D-alanine 'C26 H29 N O5'
#
# COMPACT_ATOMS: atom_id res chain seq x y z
N ALA A 2 9.73 -9.63 14.15
CA ALA A 2 8.61 -9.17 13.32
C ALA A 2 8.77 -9.64 11.87
N PHE A 3 7.65 -9.93 11.21
CA PHE A 3 7.65 -10.26 9.80
C PHE A 3 7.82 -8.97 8.99
N THR A 4 8.91 -8.87 8.24
CA THR A 4 9.22 -7.66 7.49
C THR A 4 9.60 -8.07 6.07
N VAL A 5 8.99 -7.41 5.10
CA VAL A 5 9.42 -7.48 3.71
C VAL A 5 10.58 -6.50 3.51
N THR A 6 11.62 -6.95 2.81
CA THR A 6 12.80 -6.12 2.55
C THR A 6 13.02 -6.06 1.05
N VAL A 7 13.61 -4.94 0.62
CA VAL A 7 13.90 -4.71 -0.80
C VAL A 7 15.39 -4.41 -0.94
N PRO A 8 16.16 -5.30 -1.57
CA PRO A 8 17.62 -5.08 -1.67
C PRO A 8 17.98 -3.79 -2.36
N LYS A 9 17.14 -3.32 -3.28
CA LYS A 9 17.39 -2.12 -4.05
C LYS A 9 16.06 -1.42 -4.22
N ASP A 10 15.90 -0.22 -3.65
CA ASP A 10 14.63 0.49 -3.70
C ASP A 10 14.58 1.47 -4.85
N LEU A 11 15.58 1.45 -5.72
CA LEU A 11 15.55 2.23 -6.96
C LEU A 11 16.21 1.39 -8.05
N TYR A 12 15.57 1.31 -9.18
CA TYR A 12 16.14 0.71 -10.38
C TYR A 12 16.06 1.76 -11.45
N VAL A 13 17.10 1.86 -12.26
CA VAL A 13 17.04 2.63 -13.48
C VAL A 13 17.37 1.69 -14.62
N VAL A 14 16.45 1.56 -15.57
CA VAL A 14 16.55 0.59 -16.65
C VAL A 14 16.33 1.28 -17.97
N GLU A 15 16.83 0.68 -19.03
CA GLU A 15 16.77 1.28 -20.35
C GLU A 15 15.52 0.83 -21.06
N TYR A 16 14.81 1.79 -21.64
CA TYR A 16 13.67 1.52 -22.50
C TYR A 16 13.89 0.26 -23.32
N GLY A 17 12.86 -0.59 -23.37
CA GLY A 17 12.88 -1.75 -24.24
C GLY A 17 13.59 -2.97 -23.69
N SER A 18 14.27 -2.85 -22.56
CA SER A 18 14.97 -3.96 -21.96
C SER A 18 14.01 -4.75 -21.07
N ASN A 19 14.55 -5.63 -20.24
CA ASN A 19 13.77 -6.34 -19.26
C ASN A 19 14.25 -5.94 -17.87
N MET A 20 13.36 -6.04 -16.88
CA MET A 20 13.75 -5.76 -15.52
C MET A 20 13.12 -6.78 -14.58
N THR A 21 13.87 -7.16 -13.56
CA THR A 21 13.40 -8.01 -12.48
C THR A 21 13.62 -7.24 -11.19
N ILE A 22 12.54 -6.82 -10.55
CA ILE A 22 12.63 -6.10 -9.29
C ILE A 22 12.28 -7.09 -8.20
N GLU A 23 13.11 -7.14 -7.17
CA GLU A 23 13.12 -8.21 -6.19
C GLU A 23 12.48 -7.71 -4.90
N CYS A 24 11.83 -8.62 -4.17
CA CYS A 24 11.16 -8.28 -2.93
C CYS A 24 11.24 -9.48 -1.99
N LYS A 25 11.92 -9.33 -0.85
CA LYS A 25 12.34 -10.46 -0.02
C LYS A 25 11.52 -10.55 1.25
N PHE A 26 11.14 -11.77 1.63
CA PHE A 26 10.47 -12.02 2.88
C PHE A 26 11.05 -13.30 3.51
N PRO A 27 10.91 -13.44 4.81
CA PRO A 27 11.52 -14.61 5.50
C PRO A 27 10.88 -15.92 5.06
N VAL A 28 11.72 -16.88 4.68
CA VAL A 28 11.31 -18.26 4.51
C VAL A 28 12.32 -19.14 5.25
N GLU A 29 11.95 -19.57 6.45
CA GLU A 29 12.76 -20.46 7.28
C GLU A 29 12.67 -21.91 6.80
N LYS A 30 11.45 -22.40 6.53
CA LYS A 30 11.17 -23.80 6.24
C LYS A 30 10.72 -23.96 4.78
N GLN A 31 9.94 -25.01 4.52
CA GLN A 31 9.38 -25.24 3.19
C GLN A 31 8.20 -24.31 2.99
N LEU A 32 8.01 -23.83 1.77
CA LEU A 32 7.02 -22.78 1.60
C LEU A 32 5.62 -23.35 1.82
N ASP A 33 4.80 -22.58 2.53
CA ASP A 33 3.39 -22.91 2.72
C ASP A 33 2.60 -22.04 1.75
N LEU A 34 2.23 -22.62 0.61
CA LEU A 34 1.64 -21.84 -0.49
C LEU A 34 0.26 -21.30 -0.14
N ALA A 35 -0.53 -22.06 0.62
CA ALA A 35 -1.88 -21.68 0.98
C ALA A 35 -1.92 -20.54 1.98
N ALA A 36 -0.80 -20.21 2.62
CA ALA A 36 -0.74 -19.11 3.57
C ALA A 36 -0.18 -17.84 2.96
N LEU A 37 0.23 -17.89 1.70
CA LEU A 37 0.96 -16.85 1.00
C LEU A 37 0.03 -15.98 0.19
N ILE A 38 0.28 -14.67 0.22
CA ILE A 38 -0.43 -13.68 -0.61
C ILE A 38 0.61 -12.67 -1.09
N VAL A 39 0.71 -12.50 -2.40
CA VAL A 39 1.65 -11.56 -3.01
C VAL A 39 0.82 -10.61 -3.85
N TYR A 40 0.93 -9.31 -3.59
CA TYR A 40 0.28 -8.30 -4.40
C TYR A 40 1.35 -7.33 -4.91
N TRP A 41 1.47 -7.21 -6.24
CA TRP A 41 2.37 -6.26 -6.87
C TRP A 41 1.53 -5.24 -7.61
N GLU A 42 1.74 -3.96 -7.29
CA GLU A 42 1.09 -2.89 -8.03
C GLU A 42 2.09 -1.81 -8.39
N MET A 43 1.65 -0.93 -9.29
CA MET A 43 2.40 0.23 -9.73
C MET A 43 1.43 1.40 -9.72
N GLU A 44 1.79 2.47 -9.01
CA GLU A 44 0.85 3.56 -8.77
C GLU A 44 -0.45 2.95 -8.25
N ASP A 45 -1.55 3.01 -8.99
CA ASP A 45 -2.79 2.41 -8.49
C ASP A 45 -3.37 1.40 -9.46
N LYS A 46 -2.50 0.68 -10.16
CA LYS A 46 -2.91 -0.33 -11.12
C LYS A 46 -2.24 -1.67 -10.83
N ASN A 47 -3.06 -2.72 -10.70
CA ASN A 47 -2.57 -4.04 -10.31
C ASN A 47 -1.70 -4.65 -11.39
N ILE A 48 -0.59 -5.24 -10.97
CA ILE A 48 0.31 -5.93 -11.87
C ILE A 48 0.21 -7.44 -11.70
N ILE A 49 0.24 -7.94 -10.46
CA ILE A 49 -0.01 -9.37 -10.25
C ILE A 49 -0.61 -9.57 -8.88
N GLN A 50 -1.52 -10.53 -8.80
CA GLN A 50 -2.08 -10.96 -7.53
C GLN A 50 -1.95 -12.48 -7.43
N PHE A 51 -1.42 -12.96 -6.31
CA PHE A 51 -1.07 -14.36 -6.10
C PHE A 51 -1.67 -14.82 -4.77
N VAL A 52 -2.72 -15.64 -4.83
CA VAL A 52 -3.37 -16.20 -3.64
C VAL A 52 -3.59 -17.69 -3.87
N HIS A 53 -3.31 -18.50 -2.85
CA HIS A 53 -3.49 -19.95 -2.90
C HIS A 53 -2.75 -20.58 -4.08
N GLY A 54 -1.49 -20.20 -4.24
CA GLY A 54 -0.64 -20.84 -5.24
C GLY A 54 -0.87 -20.46 -6.69
N GLU A 55 -1.87 -19.65 -7.00
CA GLU A 55 -2.16 -19.35 -8.39
C GLU A 55 -2.14 -17.84 -8.60
N GLU A 56 -1.57 -17.41 -9.72
CA GLU A 56 -1.71 -16.03 -10.12
C GLU A 56 -3.13 -15.77 -10.56
N ASP A 57 -3.70 -14.65 -10.10
CA ASP A 57 -5.06 -14.21 -10.51
C ASP A 57 -4.85 -13.04 -11.47
N LEU A 58 -5.29 -13.14 -12.72
CA LEU A 58 -4.98 -11.99 -13.60
C LEU A 58 -6.22 -11.21 -13.99
N LYS A 59 -7.37 -11.45 -13.38
CA LYS A 59 -8.57 -10.69 -13.79
C LYS A 59 -8.37 -9.21 -13.50
N THR A 60 -7.77 -8.91 -12.37
CA THR A 60 -7.39 -7.60 -11.79
C THR A 60 -6.34 -6.88 -12.63
N GLN A 61 -5.38 -7.62 -13.20
CA GLN A 61 -4.18 -7.04 -13.83
C GLN A 61 -4.52 -5.97 -14.87
N HIS A 62 -3.80 -4.86 -14.83
CA HIS A 62 -4.04 -3.70 -15.69
C HIS A 62 -3.60 -3.99 -17.12
N SER A 63 -4.43 -3.56 -18.07
CA SER A 63 -4.14 -3.63 -19.50
C SER A 63 -2.66 -3.58 -19.79
N SER A 64 -1.99 -2.50 -19.38
CA SER A 64 -0.63 -2.21 -19.82
C SER A 64 0.40 -3.19 -19.29
N TYR A 65 -0.05 -4.19 -18.56
CA TYR A 65 0.92 -5.18 -18.01
C TYR A 65 0.67 -6.57 -18.59
N ARG A 66 -0.32 -6.66 -19.49
CA ARG A 66 -0.67 -7.97 -20.07
C ARG A 66 0.50 -8.53 -20.88
N GLN A 67 0.83 -9.79 -20.56
CA GLN A 67 1.83 -10.63 -21.26
C GLN A 67 3.25 -10.10 -21.06
N ARG A 68 3.42 -9.04 -20.28
CA ARG A 68 4.73 -8.48 -19.97
C ARG A 68 5.15 -8.70 -18.52
N ALA A 69 4.22 -9.05 -17.63
CA ALA A 69 4.53 -9.14 -16.22
C ALA A 69 4.33 -10.56 -15.76
N ARG A 70 5.35 -11.10 -15.12
CA ARG A 70 5.22 -12.40 -14.50
C ARG A 70 5.85 -12.35 -13.12
N LEU A 71 5.36 -13.19 -12.23
CA LEU A 71 6.01 -13.39 -10.94
C LEU A 71 6.80 -14.68 -11.00
N LEU A 72 8.09 -14.59 -10.76
CA LEU A 72 8.87 -15.82 -10.82
C LEU A 72 8.53 -16.67 -9.59
N LYS A 73 7.50 -17.52 -9.73
CA LYS A 73 7.08 -18.36 -8.61
C LYS A 73 8.23 -19.22 -8.17
N ASP A 74 9.21 -19.39 -9.08
CA ASP A 74 10.37 -20.28 -8.81
C ASP A 74 11.10 -19.77 -7.57
N GLN A 75 11.22 -18.45 -7.43
CA GLN A 75 11.95 -17.88 -6.28
C GLN A 75 11.07 -17.79 -5.05
N LEU A 76 9.77 -17.98 -5.18
CA LEU A 76 8.95 -17.75 -3.99
C LEU A 76 9.36 -18.67 -2.86
N SER A 77 9.70 -19.92 -3.19
CA SER A 77 10.16 -20.87 -2.20
C SER A 77 11.44 -20.40 -1.53
N LEU A 78 12.24 -19.59 -2.24
CA LEU A 78 13.41 -18.94 -1.65
C LEU A 78 13.05 -17.70 -0.86
N GLY A 79 11.77 -17.34 -0.79
CA GLY A 79 11.38 -16.09 -0.15
C GLY A 79 11.62 -14.86 -1.00
N ASN A 80 11.42 -14.96 -2.31
CA ASN A 80 11.74 -13.87 -3.23
C ASN A 80 10.54 -13.68 -4.15
N ALA A 81 9.75 -12.66 -3.89
CA ALA A 81 8.67 -12.27 -4.80
C ALA A 81 9.33 -11.32 -5.78
N ALA A 82 9.75 -11.87 -6.91
CA ALA A 82 10.46 -11.12 -7.92
C ALA A 82 9.52 -10.88 -9.09
N LEU A 83 9.33 -9.60 -9.44
CA LEU A 83 8.46 -9.23 -10.54
C LEU A 83 9.32 -8.98 -11.77
N GLN A 84 8.93 -9.60 -12.87
CA GLN A 84 9.66 -9.49 -14.13
C GLN A 84 8.77 -8.77 -15.12
N ILE A 85 9.25 -7.63 -15.60
CA ILE A 85 8.60 -6.84 -16.63
C ILE A 85 9.49 -6.92 -17.86
N THR A 86 8.89 -7.22 -19.00
CA THR A 86 9.64 -7.34 -20.24
C THR A 86 9.26 -6.21 -21.16
N ASP A 87 10.21 -5.82 -22.01
CA ASP A 87 10.04 -4.71 -22.94
C ASP A 87 9.61 -3.46 -22.17
N VAL A 88 10.47 -3.06 -21.23
CA VAL A 88 10.16 -1.94 -20.34
C VAL A 88 9.83 -0.70 -21.17
N LYS A 89 8.67 -0.11 -20.90
CA LYS A 89 8.17 1.10 -21.57
C LYS A 89 8.54 2.32 -20.73
N LEU A 90 8.34 3.50 -21.32
CA LEU A 90 8.55 4.72 -20.54
C LEU A 90 7.48 4.88 -19.49
N GLN A 91 6.27 4.36 -19.75
CA GLN A 91 5.14 4.45 -18.85
C GLN A 91 5.21 3.47 -17.70
N ASP A 92 6.27 2.67 -17.62
CA ASP A 92 6.54 1.81 -16.46
C ASP A 92 7.34 2.51 -15.38
N ALA A 93 7.80 3.74 -15.62
CA ALA A 93 8.53 4.47 -14.61
C ALA A 93 7.58 4.98 -13.56
N GLY A 94 7.93 4.79 -12.30
CA GLY A 94 7.07 5.19 -11.21
C GLY A 94 7.36 4.36 -9.98
N VAL A 95 6.44 4.40 -9.03
CA VAL A 95 6.59 3.72 -7.77
C VAL A 95 5.81 2.42 -7.81
N TYR A 96 6.50 1.31 -7.51
CA TYR A 96 5.90 0.00 -7.38
C TYR A 96 5.80 -0.34 -5.90
N ARG A 97 4.84 -1.18 -5.58
CA ARG A 97 4.69 -1.68 -4.22
C ARG A 97 4.55 -3.18 -4.29
N CYS A 98 5.38 -3.89 -3.53
CA CYS A 98 5.16 -5.31 -3.32
C CYS A 98 4.67 -5.46 -1.90
N MET A 99 3.54 -6.15 -1.77
CA MET A 99 2.88 -6.41 -0.50
C MET A 99 2.87 -7.91 -0.33
N ILE A 100 3.32 -8.39 0.83
CA ILE A 100 3.38 -9.82 1.08
C ILE A 100 2.80 -10.12 2.44
N SER A 101 1.87 -11.10 2.48
CA SER A 101 1.29 -11.67 3.69
C SER A 101 1.64 -13.15 3.74
N TYR A 102 2.50 -13.54 4.69
CA TYR A 102 2.90 -14.93 4.88
C TYR A 102 3.20 -15.12 6.38
N GLY A 103 2.14 -15.29 7.16
CA GLY A 103 2.31 -15.32 8.60
C GLY A 103 2.75 -13.95 9.03
N GLY A 104 1.89 -12.97 8.79
CA GLY A 104 2.20 -11.58 9.00
C GLY A 104 2.16 -10.84 7.66
N ALA A 105 2.44 -9.55 7.71
CA ALA A 105 2.29 -8.81 6.47
C ALA A 105 3.13 -7.57 6.53
N ASP A 106 3.62 -7.16 5.37
CA ASP A 106 4.36 -5.91 5.29
C ASP A 106 4.53 -5.60 3.79
N TYR A 107 5.01 -4.40 3.49
CA TYR A 107 5.12 -4.01 2.11
C TYR A 107 6.26 -3.03 1.97
N LYS A 108 6.74 -2.91 0.74
CA LYS A 108 7.82 -2.00 0.45
C LYS A 108 7.63 -1.41 -0.94
N ARG A 109 8.17 -0.20 -1.12
CA ARG A 109 8.14 0.56 -2.35
C ARG A 109 9.45 0.35 -3.11
N ILE A 110 9.38 0.47 -4.42
CA ILE A 110 10.56 0.41 -5.28
C ILE A 110 10.33 1.43 -6.40
N THR A 111 11.29 2.32 -6.62
CA THR A 111 11.12 3.33 -7.64
C THR A 111 11.88 2.90 -8.88
N VAL A 112 11.25 3.08 -10.05
CA VAL A 112 11.83 2.67 -11.32
C VAL A 112 11.89 3.89 -12.21
N LYS A 113 13.10 4.24 -12.66
CA LYS A 113 13.34 5.28 -13.65
C LYS A 113 13.70 4.62 -14.98
N VAL A 114 13.19 5.18 -16.08
CA VAL A 114 13.40 4.58 -17.40
C VAL A 114 14.16 5.57 -18.28
N ASN A 115 15.43 5.30 -18.53
CA ASN A 115 16.18 6.06 -19.52
C ASN A 115 15.71 5.70 -20.92
N ALA A 116 15.56 6.71 -21.79
CA ALA A 116 15.05 6.48 -23.13
C ALA A 116 15.70 7.37 -24.17
N PRO A 117 15.92 6.86 -25.38
CA PRO A 117 16.46 7.71 -26.44
C PRO A 117 15.42 8.71 -26.91
N TYR A 118 15.90 9.76 -27.61
CA TYR A 118 15.01 10.82 -28.06
C TYR A 118 13.78 10.26 -28.77
N ALA A 119 13.97 9.28 -29.65
CA ALA A 119 12.87 8.82 -30.49
C ALA A 119 11.73 8.24 -29.66
N ALA A 120 12.05 7.38 -28.70
CA ALA A 120 11.02 6.77 -27.84
C ALA A 120 10.34 7.83 -26.97
N ALA A 121 11.13 8.75 -26.43
CA ALA A 121 10.55 9.84 -25.66
C ALA A 121 9.61 10.66 -26.51
N LEU A 122 9.98 10.88 -27.78
CA LEU A 122 9.17 11.76 -28.60
C LEU A 122 7.85 11.10 -28.96
N GLU A 123 7.88 9.81 -29.25
CA GLU A 123 6.60 9.14 -29.46
C GLU A 123 5.78 9.02 -28.18
N HIS A 124 6.41 8.87 -27.01
CA HIS A 124 5.65 8.97 -25.76
C HIS A 124 5.05 10.37 -25.58
N HIS A 125 5.68 11.39 -26.19
CA HIS A 125 5.25 12.77 -26.00
C HIS A 125 3.87 13.04 -26.61
N HIS A 126 3.64 12.53 -27.82
CA HIS A 126 2.35 12.63 -28.49
C HIS A 126 1.44 11.44 -28.18
N ALA B 2 -13.92 -14.25 -0.45
CA ALA B 2 -12.71 -13.40 -0.51
C ALA B 2 -12.66 -12.44 0.68
N PHE B 3 -11.46 -12.21 1.21
CA PHE B 3 -11.30 -11.23 2.28
C PHE B 3 -11.36 -9.83 1.69
N THR B 4 -12.36 -9.06 2.12
CA THR B 4 -12.67 -7.78 1.51
C THR B 4 -12.72 -6.69 2.58
N VAL B 5 -11.85 -5.72 2.42
CA VAL B 5 -11.94 -4.49 3.18
C VAL B 5 -12.95 -3.60 2.47
N THR B 6 -13.86 -2.99 3.22
CA THR B 6 -14.85 -2.12 2.63
C THR B 6 -14.74 -0.76 3.28
N VAL B 7 -15.10 0.26 2.49
CA VAL B 7 -15.07 1.64 2.94
C VAL B 7 -16.47 2.22 2.77
N PRO B 8 -17.18 2.45 3.87
CA PRO B 8 -18.56 3.00 3.77
C PRO B 8 -18.60 4.33 3.06
N LYS B 9 -17.53 5.10 3.17
CA LYS B 9 -17.46 6.43 2.58
C LYS B 9 -16.03 6.56 2.06
N ASP B 10 -15.87 6.66 0.75
CA ASP B 10 -14.53 6.78 0.17
C ASP B 10 -14.17 8.23 -0.17
N LEU B 11 -14.96 9.20 0.28
CA LEU B 11 -14.65 10.61 0.21
C LEU B 11 -15.09 11.28 1.49
N TYR B 12 -14.21 12.07 2.10
CA TYR B 12 -14.56 12.88 3.27
C TYR B 12 -14.25 14.35 2.99
N VAL B 13 -15.11 15.23 3.48
CA VAL B 13 -14.87 16.67 3.47
C VAL B 13 -14.87 17.16 4.91
N VAL B 14 -13.78 17.80 5.32
CA VAL B 14 -13.62 18.18 6.71
C VAL B 14 -13.11 19.63 6.77
N GLU B 15 -13.43 20.32 7.86
N GLU B 15 -13.43 20.31 7.86
CA GLU B 15 -13.02 21.70 8.05
CA GLU B 15 -13.02 21.69 8.05
C GLU B 15 -11.74 21.76 8.86
C GLU B 15 -11.72 21.73 8.85
N TYR B 16 -10.84 22.64 8.47
CA TYR B 16 -9.51 22.71 9.06
C TYR B 16 -9.61 22.93 10.56
N GLY B 17 -8.80 22.17 11.31
CA GLY B 17 -8.71 22.28 12.76
C GLY B 17 -9.70 21.44 13.55
N SER B 18 -10.63 20.76 12.90
CA SER B 18 -11.53 19.84 13.58
C SER B 18 -10.91 18.45 13.63
N ASN B 19 -11.69 17.45 14.02
CA ASN B 19 -11.24 16.09 14.01
C ASN B 19 -12.05 15.31 12.99
N MET B 20 -11.43 14.27 12.44
N MET B 20 -11.45 14.22 12.48
CA MET B 20 -12.09 13.39 11.51
CA MET B 20 -12.06 13.42 11.43
C MET B 20 -11.79 11.96 11.91
C MET B 20 -11.70 11.95 11.65
N THR B 21 -12.71 11.08 11.53
CA THR B 21 -12.56 9.66 11.76
C THR B 21 -12.93 8.98 10.45
N ILE B 22 -11.95 8.36 9.80
CA ILE B 22 -12.22 7.73 8.52
C ILE B 22 -12.30 6.24 8.76
N GLU B 23 -13.32 5.63 8.17
CA GLU B 23 -13.83 4.32 8.55
C GLU B 23 -13.31 3.27 7.57
N CYS B 24 -13.01 2.09 8.11
CA CYS B 24 -12.47 0.98 7.32
C CYS B 24 -12.88 -0.31 8.01
N LYS B 25 -13.65 -1.14 7.33
CA LYS B 25 -14.25 -2.32 7.97
C LYS B 25 -13.67 -3.61 7.38
N PHE B 26 -13.43 -4.59 8.23
CA PHE B 26 -12.97 -5.90 7.77
C PHE B 26 -13.73 -7.00 8.46
N PRO B 27 -13.82 -8.19 7.86
CA PRO B 27 -14.64 -9.28 8.42
C PRO B 27 -14.09 -9.86 9.71
N VAL B 28 -14.92 -9.88 10.76
CA VAL B 28 -14.66 -10.68 11.95
C VAL B 28 -15.99 -11.32 12.36
N GLU B 29 -16.07 -12.65 12.23
CA GLU B 29 -17.33 -13.34 12.52
C GLU B 29 -17.65 -13.34 14.02
N LYS B 30 -16.78 -13.90 14.85
CA LYS B 30 -17.04 -13.86 16.29
C LYS B 30 -15.83 -13.22 17.00
N GLN B 31 -15.36 -13.72 18.14
CA GLN B 31 -14.32 -12.98 18.86
C GLN B 31 -12.98 -12.97 18.12
N LEU B 32 -12.32 -11.80 18.17
CA LEU B 32 -11.16 -11.45 17.36
C LEU B 32 -9.88 -12.17 17.77
N ASP B 33 -9.05 -12.48 16.78
CA ASP B 33 -7.69 -12.99 17.02
C ASP B 33 -6.66 -11.89 16.73
N LEU B 34 -6.16 -11.24 17.78
CA LEU B 34 -5.28 -10.09 17.61
C LEU B 34 -3.93 -10.49 17.03
N ALA B 35 -3.46 -11.69 17.32
CA ALA B 35 -2.14 -12.06 16.84
C ALA B 35 -2.09 -12.21 15.33
N ALA B 36 -3.25 -12.26 14.67
CA ALA B 36 -3.35 -12.37 13.22
C ALA B 36 -3.66 -11.04 12.53
N LEU B 37 -3.92 -9.99 13.28
CA LEU B 37 -4.44 -8.74 12.72
C LEU B 37 -3.28 -7.80 12.46
N ILE B 38 -3.29 -7.16 11.29
CA ILE B 38 -2.28 -6.20 10.90
C ILE B 38 -2.97 -5.08 10.16
N VAL B 39 -2.82 -3.85 10.64
CA VAL B 39 -3.43 -2.69 10.01
C VAL B 39 -2.38 -1.64 9.71
N TYR B 40 -2.32 -1.17 8.47
CA TYR B 40 -1.49 -0.03 8.12
C TYR B 40 -2.37 1.07 7.55
N TRP B 41 -2.27 2.26 8.09
CA TRP B 41 -2.85 3.44 7.48
C TRP B 41 -1.70 4.29 6.96
N GLU B 42 -1.69 4.54 5.66
CA GLU B 42 -0.71 5.40 5.01
C GLU B 42 -1.48 6.53 4.34
N MET B 43 -0.76 7.59 4.01
CA MET B 43 -1.35 8.69 3.26
C MET B 43 -0.34 9.13 2.22
N GLU B 44 -0.64 8.87 0.95
CA GLU B 44 0.29 9.17 -0.13
C GLU B 44 1.70 8.75 0.27
N ASP B 45 1.78 7.51 0.74
CA ASP B 45 3.04 6.88 1.10
C ASP B 45 3.78 7.65 2.21
N LYS B 46 3.02 8.09 3.20
CA LYS B 46 3.53 8.62 4.47
C LYS B 46 2.85 7.78 5.53
N ASN B 47 3.61 7.09 6.36
CA ASN B 47 2.98 6.18 7.29
C ASN B 47 2.29 6.96 8.41
N ILE B 48 1.03 6.63 8.66
CA ILE B 48 0.25 7.24 9.72
C ILE B 48 0.12 6.32 10.91
N ILE B 49 -0.25 5.06 10.68
CA ILE B 49 -0.42 4.11 11.77
C ILE B 49 0.01 2.73 11.30
N GLN B 50 0.65 1.99 12.19
CA GLN B 50 0.91 0.57 12.01
C GLN B 50 0.39 -0.10 13.26
N PHE B 51 -0.35 -1.20 13.10
CA PHE B 51 -0.92 -1.91 14.22
C PHE B 51 -0.58 -3.38 14.01
N VAL B 52 0.36 -3.86 14.81
CA VAL B 52 0.83 -5.24 14.76
C VAL B 52 0.87 -5.79 16.17
N HIS B 53 0.47 -7.04 16.34
CA HIS B 53 0.54 -7.71 17.65
C HIS B 53 -0.19 -6.92 18.72
N GLY B 54 -1.36 -6.43 18.36
CA GLY B 54 -2.26 -5.72 19.28
C GLY B 54 -1.68 -4.42 19.77
N GLU B 55 -0.61 -3.96 19.16
CA GLU B 55 0.10 -2.75 19.61
C GLU B 55 0.22 -1.79 18.43
N GLU B 56 -0.05 -0.50 18.60
CA GLU B 56 0.22 0.44 17.49
C GLU B 56 1.73 0.58 17.42
N ASP B 57 2.34 0.64 16.23
CA ASP B 57 3.80 0.84 16.14
C ASP B 57 4.04 2.27 15.64
N LEU B 58 4.74 3.10 16.40
CA LEU B 58 4.90 4.50 16.01
C LEU B 58 6.29 4.78 15.44
N LYS B 59 7.10 3.74 15.30
CA LYS B 59 8.51 3.82 14.81
C LYS B 59 8.56 4.36 13.38
N THR B 60 7.59 4.01 12.56
CA THR B 60 7.56 4.44 11.14
C THR B 60 6.68 5.66 10.97
N GLN B 61 5.95 6.08 11.99
CA GLN B 61 5.01 7.18 11.83
C GLN B 61 5.69 8.40 11.25
N HIS B 62 5.07 8.97 10.22
CA HIS B 62 5.63 10.17 9.62
C HIS B 62 5.52 11.35 10.58
N SER B 63 6.60 12.13 10.65
CA SER B 63 6.71 13.39 11.38
C SER B 63 5.38 14.11 11.56
N SER B 64 4.70 14.41 10.45
CA SER B 64 3.54 15.30 10.41
C SER B 64 2.29 14.71 11.05
N TYR B 65 2.35 13.51 11.60
CA TYR B 65 1.18 12.90 12.22
C TYR B 65 1.39 12.60 13.69
N ARG B 66 2.50 13.06 14.24
CA ARG B 66 2.84 12.89 15.65
C ARG B 66 1.68 13.30 16.55
N GLN B 67 1.25 12.39 17.41
CA GLN B 67 0.26 12.64 18.45
C GLN B 67 -1.03 13.26 17.94
N ARG B 68 -1.26 13.25 16.62
CA ARG B 68 -2.56 13.59 16.04
C ARG B 68 -3.35 12.37 15.57
N ALA B 69 -2.74 11.18 15.53
CA ALA B 69 -3.36 10.01 14.93
C ALA B 69 -3.55 8.90 15.95
N ARG B 70 -4.77 8.36 16.02
CA ARG B 70 -5.06 7.19 16.83
C ARG B 70 -5.85 6.19 15.98
N LEU B 71 -5.69 4.93 16.29
CA LEU B 71 -6.56 3.88 15.79
C LEU B 71 -7.44 3.48 16.96
N LEU B 72 -8.75 3.50 16.74
CA LEU B 72 -9.69 3.16 17.81
C LEU B 72 -9.55 1.68 18.12
N LYS B 73 -8.70 1.40 19.11
CA LYS B 73 -8.37 0.03 19.47
C LYS B 73 -9.59 -0.75 19.94
N ASP B 74 -10.54 -0.07 20.61
CA ASP B 74 -11.76 -0.74 21.05
C ASP B 74 -12.48 -1.45 19.91
N GLN B 75 -12.82 -0.71 18.86
CA GLN B 75 -13.75 -1.23 17.85
C GLN B 75 -13.11 -2.24 16.90
N LEU B 76 -11.88 -2.68 17.19
CA LEU B 76 -11.23 -3.67 16.34
C LEU B 76 -11.98 -5.01 16.38
N SER B 77 -12.49 -5.40 17.57
CA SER B 77 -13.28 -6.63 17.71
C SER B 77 -14.58 -6.59 16.93
N LEU B 78 -15.12 -5.38 16.68
CA LEU B 78 -16.29 -5.20 15.83
C LEU B 78 -15.98 -5.21 14.34
N GLY B 79 -14.72 -5.39 13.91
CA GLY B 79 -14.41 -5.27 12.50
C GLY B 79 -14.32 -3.85 12.01
N ASN B 80 -13.74 -2.96 12.83
CA ASN B 80 -13.74 -1.52 12.56
C ASN B 80 -12.32 -1.00 12.75
N ALA B 81 -11.61 -0.80 11.65
CA ALA B 81 -10.33 -0.10 11.69
C ALA B 81 -10.65 1.34 11.34
N ALA B 82 -10.87 2.16 12.35
CA ALA B 82 -11.17 3.56 12.13
C ALA B 82 -9.93 4.36 12.52
N LEU B 83 -9.46 5.20 11.59
CA LEU B 83 -8.33 6.08 11.82
C LEU B 83 -8.90 7.42 12.23
N GLN B 84 -8.38 7.96 13.33
CA GLN B 84 -8.85 9.21 13.90
C GLN B 84 -7.72 10.21 13.82
N ILE B 85 -7.95 11.31 13.10
CA ILE B 85 -6.99 12.41 12.99
C ILE B 85 -7.58 13.60 13.73
N THR B 86 -6.80 14.22 14.62
CA THR B 86 -7.24 15.38 15.37
C THR B 86 -6.44 16.61 14.96
N ASP B 87 -7.11 17.77 15.05
CA ASP B 87 -6.61 19.05 14.55
C ASP B 87 -6.25 18.93 13.05
N VAL B 88 -7.28 18.60 12.25
CA VAL B 88 -7.06 18.34 10.84
C VAL B 88 -6.39 19.54 10.17
N LYS B 89 -5.27 19.27 9.51
CA LYS B 89 -4.48 20.28 8.84
C LYS B 89 -4.86 20.34 7.37
N LEU B 90 -4.36 21.38 6.69
CA LEU B 90 -4.52 21.48 5.24
C LEU B 90 -3.69 20.46 4.49
N GLN B 91 -2.56 20.02 5.06
CA GLN B 91 -1.75 18.97 4.44
C GLN B 91 -2.27 17.57 4.75
N ASP B 92 -3.40 17.46 5.45
CA ASP B 92 -4.04 16.17 5.63
C ASP B 92 -4.93 15.81 4.45
N ALA B 93 -5.06 16.72 3.48
CA ALA B 93 -5.84 16.44 2.29
C ALA B 93 -5.04 15.51 1.38
N GLY B 94 -5.71 14.51 0.83
CA GLY B 94 -5.04 13.61 -0.06
C GLY B 94 -5.70 12.25 -0.03
N VAL B 95 -4.99 11.27 -0.59
CA VAL B 95 -5.51 9.91 -0.68
C VAL B 95 -4.92 9.08 0.45
N TYR B 96 -5.80 8.51 1.25
CA TYR B 96 -5.43 7.65 2.34
C TYR B 96 -5.57 6.22 1.89
N ARG B 97 -4.83 5.36 2.51
CA ARG B 97 -4.86 3.96 2.16
C ARG B 97 -4.98 3.19 3.47
N CYS B 98 -5.99 2.31 3.54
CA CYS B 98 -6.19 1.39 4.64
C CYS B 98 -5.82 -0.02 4.18
N MET B 99 -4.82 -0.60 4.83
CA MET B 99 -4.32 -1.92 4.50
C MET B 99 -4.58 -2.84 5.67
N ILE B 100 -5.25 -3.97 5.43
CA ILE B 100 -5.61 -4.89 6.50
C ILE B 100 -5.30 -6.31 6.10
N SER B 101 -4.55 -7.00 6.96
CA SER B 101 -4.24 -8.43 6.87
C SER B 101 -4.86 -9.12 8.07
N TYR B 102 -5.81 -10.03 7.79
CA TYR B 102 -6.44 -10.85 8.83
C TYR B 102 -6.82 -12.19 8.19
N GLY B 103 -5.84 -13.10 8.11
CA GLY B 103 -5.95 -14.29 7.29
C GLY B 103 -5.80 -13.89 5.83
N GLY B 104 -6.80 -13.24 5.29
CA GLY B 104 -6.72 -12.68 3.96
C GLY B 104 -6.09 -11.30 4.01
N ALA B 105 -6.13 -10.61 2.87
CA ALA B 105 -5.48 -9.30 2.80
C ALA B 105 -6.21 -8.45 1.78
N ASP B 106 -6.28 -7.14 2.06
CA ASP B 106 -6.98 -6.22 1.19
C ASP B 106 -6.61 -4.81 1.61
N TYR B 107 -6.98 -3.85 0.77
CA TYR B 107 -6.70 -2.46 1.05
C TYR B 107 -7.70 -1.62 0.27
N LYS B 108 -7.93 -0.41 0.76
CA LYS B 108 -8.88 0.50 0.12
C LYS B 108 -8.36 1.92 0.24
N ARG B 109 -8.75 2.74 -0.73
CA ARG B 109 -8.37 4.15 -0.76
C ARG B 109 -9.53 5.01 -0.29
N ILE B 110 -9.19 6.16 0.30
CA ILE B 110 -10.17 7.14 0.76
C ILE B 110 -9.66 8.54 0.45
N THR B 111 -10.45 9.34 -0.23
CA THR B 111 -9.97 10.68 -0.55
C THR B 111 -10.48 11.62 0.53
N VAL B 112 -9.60 12.53 0.98
CA VAL B 112 -9.96 13.53 1.98
C VAL B 112 -9.65 14.92 1.43
N LYS B 113 -10.68 15.78 1.40
CA LYS B 113 -10.57 17.19 1.04
C LYS B 113 -10.65 18.05 2.29
N VAL B 114 -9.82 19.08 2.36
CA VAL B 114 -9.78 19.93 3.55
C VAL B 114 -10.20 21.35 3.18
N ASN B 115 -11.40 21.75 3.62
CA ASN B 115 -11.82 23.14 3.60
C ASN B 115 -11.15 23.96 4.70
N ALA B 116 -10.67 25.16 4.35
CA ALA B 116 -9.98 26.02 5.31
C ALA B 116 -10.29 27.49 5.03
N PRO B 117 -10.43 28.31 6.06
CA PRO B 117 -10.68 29.74 5.85
C PRO B 117 -9.42 30.46 5.40
N TYR B 118 -9.62 31.67 4.85
CA TYR B 118 -8.53 32.40 4.19
C TYR B 118 -7.25 32.43 5.01
N ALA B 119 -7.35 32.77 6.30
CA ALA B 119 -6.12 33.00 7.06
C ALA B 119 -5.27 31.72 7.12
N ALA B 120 -5.90 30.59 7.46
CA ALA B 120 -5.16 29.33 7.56
C ALA B 120 -4.56 28.93 6.21
N ALA B 121 -5.35 29.05 5.15
CA ALA B 121 -4.82 28.74 3.82
C ALA B 121 -3.65 29.65 3.51
N LEU B 122 -3.69 30.88 4.00
CA LEU B 122 -2.65 31.85 3.70
C LEU B 122 -1.35 31.47 4.38
N GLU B 123 -1.41 30.96 5.61
CA GLU B 123 -0.18 30.45 6.23
C GLU B 123 0.30 29.16 5.56
N HIS B 124 -0.61 28.29 5.17
CA HIS B 124 -0.18 27.11 4.42
C HIS B 124 0.48 27.49 3.10
N HIS B 125 0.03 28.56 2.47
CA HIS B 125 0.56 28.93 1.17
C HIS B 125 1.97 29.45 1.31
N HIS B 126 2.37 29.73 2.54
CA HIS B 126 3.50 30.59 2.82
C HIS B 126 4.37 29.84 3.81
N HIS B 127 4.89 28.73 3.30
CA HIS B 127 5.46 27.62 4.05
C HIS B 127 6.86 27.34 3.52
C4 KSD C . -0.46 -8.63 1.17
C14 KSD C . -3.13 -6.57 -0.57
C5 KSD C . -1.39 -8.22 0.24
C6 KSD C . -2.09 -7.04 0.46
C11 KSD C . -1.30 -4.95 5.92
C7 KSD C . -0.64 -5.88 3.81
C8 KSD C . 0.59 -5.25 3.94
C9 KSD C . 0.87 -4.48 5.05
C10 KSD C . -0.06 -4.34 6.05
C12 KSD C . -1.59 -5.74 4.81
C13 KSD C . -2.66 -4.98 1.78
N1 KSD C . -9.57 -7.62 -3.50
C3 KSD C . -0.21 -7.87 2.32
C1 KSD C . -1.87 -6.28 1.60
C15 KSD C . -4.64 -7.73 -2.07
C16 KSD C . -5.22 -8.95 -2.39
C17 KSD C . -6.42 -9.00 -3.09
C18 KSD C . -7.03 -7.81 -3.49
C19 KSD C . -6.45 -6.60 -3.19
C2 KSD C . -0.92 -6.70 2.55
C20 KSD C . -5.26 -6.54 -2.48
C21 KSD C . -6.34 -4.38 -4.14
C22 KSD C . -6.68 -11.31 -2.57
C23 KSD C . -8.36 -7.86 -4.30
C24 KSD C . -10.49 -8.72 -3.76
C25 KSD C . -10.05 -9.96 -2.95
C26 KSD C . -11.94 -8.38 -3.43
O1 KSD C . -3.42 -7.73 -1.33
O2 KSD C . -7.12 -5.42 -3.61
O3 KSD C . -7.02 -10.23 -3.40
O4 KSD C . -9.31 -9.84 -1.91
O5 KSD C . -10.44 -11.09 -3.36
#